data_3OEP
#
_entry.id   3OEP
#
_cell.length_a   75.289
_cell.length_b   75.289
_cell.length_c   183.032
_cell.angle_alpha   90.000
_cell.angle_beta   90.000
_cell.angle_gamma   90.000
#
_symmetry.space_group_name_H-M   'P 43 21 2'
#
loop_
_entity.id
_entity.type
_entity.pdbx_description
1 polymer 'Putative uncharacterized protein TTHA0988'
2 non-polymer GLYCEROL
3 non-polymer 'SULFATE ION'
4 water water
#
_entity_poly.entity_id   1
_entity_poly.type   'polypeptide(L)'
_entity_poly.pdbx_seq_one_letter_code
;MVRGFYLRFGEGVSEEANRRALALAEALLRAPPPGLLDAVPAYGVLYLEYDPRRLSRGRLLRLLKGLPQERAEEGRVVEI
PVRYDGEDLPEVASRLGLSLEAVKALHQKPLYRVYALGFTPGFPFLAEVEPALRLPRKPHPRPRVPAHAVAVAGVQTGIY
PLPSPGGWNLLGTSLVAVYDPHRETPFLLRPGDRVRFLEAEGPTPPEPRPLELLPEEPRLPALLVEEPGLMDLVVDGGRF
LGGHLGLARSGPLDAPSARLANRLVGNGAGAPLLEFAYKGPVLTALRDLVAAFAGYGFVALLEGEEIPPGQSFLWPRGKT
LRFRPRGPGVRGYLAVAGGLEVRPFLGSASPDLRGRIGRPLWAGDVLGLEALRPVRPGRAFPQRPLPEAFRLRLLPGPQF
AGEAFRALCSGPFRVARADRVGVELLGPEVPGGEGLSEPTPLGGVQVPPSGRPLVLLADKGSLGGYAKPALVDPRDLWLL
GQARPGVEIHFTSG
;
_entity_poly.pdbx_strand_id   A
#
loop_
_chem_comp.id
_chem_comp.type
_chem_comp.name
_chem_comp.formula
GOL non-polymer GLYCEROL 'C3 H8 O3'
SO4 non-polymer 'SULFATE ION' 'O4 S -2'
#
# COMPACT_ATOMS: atom_id res chain seq x y z
C MET A 1 1.48 -15.07 6.43
N VAL A 2 2.51 -14.27 6.65
CA VAL A 2 3.35 -13.76 5.57
C VAL A 2 4.84 -13.81 5.94
N ARG A 3 5.65 -14.25 5.00
CA ARG A 3 7.10 -14.25 5.13
C ARG A 3 7.70 -13.80 3.81
N GLY A 4 8.93 -13.32 3.83
CA GLY A 4 9.58 -12.85 2.61
C GLY A 4 11.09 -12.93 2.66
N PHE A 5 11.70 -12.90 1.48
CA PHE A 5 13.15 -12.79 1.39
C PHE A 5 13.55 -12.11 0.09
N TYR A 6 14.78 -11.61 0.09
CA TYR A 6 15.33 -10.87 -1.03
C TYR A 6 16.43 -11.67 -1.72
N LEU A 7 16.37 -11.72 -3.04
CA LEU A 7 17.49 -12.18 -3.85
C LEU A 7 18.15 -10.96 -4.47
N ARG A 8 19.48 -10.93 -4.45
CA ARG A 8 20.23 -9.75 -4.89
C ARG A 8 21.25 -10.18 -5.93
N PHE A 9 21.13 -9.62 -7.13
CA PHE A 9 21.91 -10.05 -8.30
C PHE A 9 22.99 -9.05 -8.71
N GLY A 10 23.02 -7.90 -8.07
CA GLY A 10 24.06 -6.89 -8.32
C GLY A 10 23.63 -5.56 -7.77
N GLU A 11 24.60 -4.77 -7.31
CA GLU A 11 24.32 -3.47 -6.70
C GLU A 11 24.07 -2.39 -7.74
N GLY A 12 23.42 -1.32 -7.30
CA GLY A 12 23.23 -0.13 -8.12
C GLY A 12 22.36 -0.33 -9.34
N VAL A 13 22.58 0.52 -10.33
CA VAL A 13 21.88 0.44 -11.60
C VAL A 13 22.69 -0.44 -12.54
N SER A 14 22.43 -1.74 -12.48
CA SER A 14 23.10 -2.72 -13.31
C SER A 14 22.06 -3.32 -14.24
N GLU A 15 22.25 -3.15 -15.54
CA GLU A 15 21.31 -3.70 -16.51
C GLU A 15 21.17 -5.21 -16.40
N GLU A 16 22.29 -5.93 -16.32
CA GLU A 16 22.21 -7.39 -16.30
C GLU A 16 21.61 -7.91 -14.98
N ALA A 17 21.90 -7.24 -13.87
CA ALA A 17 21.28 -7.63 -12.60
C ALA A 17 19.76 -7.46 -12.66
N ASN A 18 19.33 -6.36 -13.26
CA ASN A 18 17.89 -6.10 -13.44
C ASN A 18 17.25 -7.12 -14.38
N ARG A 19 17.92 -7.49 -15.47
CA ARG A 19 17.41 -8.52 -16.40
CA ARG A 19 17.41 -8.50 -16.39
C ARG A 19 17.18 -9.83 -15.67
N ARG A 20 18.12 -10.19 -14.79
CA ARG A 20 18.01 -11.41 -14.00
C ARG A 20 16.78 -11.38 -13.08
N ALA A 21 16.63 -10.30 -12.32
CA ALA A 21 15.52 -10.16 -11.37
C ALA A 21 14.18 -10.16 -12.11
N LEU A 22 14.15 -9.48 -13.25
CA LEU A 22 12.94 -9.40 -14.08
C LEU A 22 12.55 -10.74 -14.68
N ALA A 23 13.53 -11.48 -15.21
CA ALA A 23 13.27 -12.78 -15.83
C ALA A 23 12.62 -13.73 -14.83
N LEU A 24 13.13 -13.70 -13.60
CA LEU A 24 12.61 -14.54 -12.53
C LEU A 24 11.22 -14.09 -12.10
N ALA A 25 11.04 -12.80 -11.87
CA ALA A 25 9.74 -12.27 -11.46
C ALA A 25 8.68 -12.56 -12.52
N GLU A 26 9.02 -12.31 -13.79
CA GLU A 26 8.07 -12.53 -14.89
C GLU A 26 7.62 -13.98 -14.98
N ALA A 27 8.58 -14.90 -14.86
CA ALA A 27 8.28 -16.34 -14.93
C ALA A 27 7.34 -16.76 -13.79
N LEU A 28 7.57 -16.23 -12.60
CA LEU A 28 6.70 -16.52 -11.45
C LEU A 28 5.31 -15.94 -11.64
N LEU A 29 5.24 -14.69 -12.11
CA LEU A 29 3.95 -14.00 -12.23
C LEU A 29 3.10 -14.59 -13.37
N ARG A 30 3.77 -15.19 -14.34
CA ARG A 30 3.12 -15.91 -15.44
C ARG A 30 2.40 -17.18 -14.94
N ALA A 31 2.99 -17.84 -13.96
CA ALA A 31 2.47 -19.10 -13.43
C ALA A 31 2.76 -19.20 -11.93
N PRO A 32 2.07 -18.37 -11.12
CA PRO A 32 2.40 -18.28 -9.70
C PRO A 32 2.06 -19.55 -8.94
N PRO A 33 3.02 -20.12 -8.20
CA PRO A 33 2.70 -21.30 -7.40
C PRO A 33 1.77 -20.93 -6.24
N PRO A 34 0.87 -21.86 -5.87
CA PRO A 34 0.04 -21.65 -4.69
C PRO A 34 0.87 -21.26 -3.46
N GLY A 35 0.49 -20.18 -2.80
CA GLY A 35 1.22 -19.68 -1.63
C GLY A 35 2.13 -18.50 -1.92
N LEU A 36 2.45 -18.24 -3.19
CA LEU A 36 3.20 -17.05 -3.56
C LEU A 36 2.28 -15.84 -3.47
N LEU A 37 2.69 -14.84 -2.67
CA LEU A 37 1.90 -13.65 -2.43
C LEU A 37 2.36 -12.46 -3.25
N ASP A 38 3.66 -12.37 -3.53
CA ASP A 38 4.18 -11.31 -4.40
C ASP A 38 5.57 -11.66 -4.89
N ALA A 39 5.92 -11.09 -6.04
CA ALA A 39 7.25 -11.19 -6.62
C ALA A 39 7.55 -9.82 -7.20
N VAL A 40 8.44 -9.08 -6.54
CA VAL A 40 8.67 -7.68 -6.87
C VAL A 40 10.13 -7.43 -7.22
N PRO A 41 10.38 -7.09 -8.50
CA PRO A 41 11.74 -6.74 -8.90
C PRO A 41 11.97 -5.23 -8.85
N ALA A 42 13.17 -4.82 -8.44
CA ALA A 42 13.55 -3.42 -8.47
C ALA A 42 15.07 -3.37 -8.58
N TYR A 43 15.57 -2.79 -9.67
CA TYR A 43 17.01 -2.80 -9.94
C TYR A 43 17.51 -4.25 -9.89
N GLY A 44 18.57 -4.52 -9.14
CA GLY A 44 19.11 -5.89 -9.08
C GLY A 44 18.51 -6.77 -8.01
N VAL A 45 17.38 -6.36 -7.42
CA VAL A 45 16.79 -7.06 -6.29
C VAL A 45 15.45 -7.68 -6.66
N LEU A 46 15.21 -8.89 -6.17
CA LEU A 46 13.90 -9.53 -6.29
C LEU A 46 13.41 -9.88 -4.89
N TYR A 47 12.26 -9.35 -4.52
CA TYR A 47 11.63 -9.67 -3.24
C TYR A 47 10.51 -10.67 -3.48
N LEU A 48 10.54 -11.77 -2.74
CA LEU A 48 9.51 -12.80 -2.83
C LEU A 48 8.80 -12.88 -1.50
N GLU A 49 7.47 -12.80 -1.55
CA GLU A 49 6.62 -12.89 -0.37
C GLU A 49 5.74 -14.12 -0.51
N TYR A 50 5.62 -14.91 0.55
CA TYR A 50 4.93 -16.18 0.46
C TYR A 50 4.27 -16.55 1.78
N ASP A 51 3.26 -17.41 1.70
CA ASP A 51 2.57 -17.95 2.87
C ASP A 51 3.24 -19.27 3.22
N PRO A 52 4.00 -19.31 4.32
CA PRO A 52 4.77 -20.51 4.65
C PRO A 52 3.93 -21.75 4.94
N ARG A 53 2.66 -21.57 5.25
CA ARG A 53 1.74 -22.70 5.46
C ARG A 53 1.47 -23.46 4.15
N ARG A 54 1.54 -22.76 3.01
CA ARG A 54 1.24 -23.37 1.71
C ARG A 54 2.47 -23.58 0.83
N LEU A 55 3.49 -22.74 1.00
CA LEU A 55 4.69 -22.79 0.18
C LEU A 55 5.91 -22.59 1.07
N SER A 56 6.79 -23.58 1.12
CA SER A 56 8.02 -23.45 1.90
C SER A 56 9.05 -22.64 1.13
N ARG A 57 9.95 -21.98 1.86
CA ARG A 57 11.05 -21.25 1.24
C ARG A 57 11.88 -22.18 0.34
N GLY A 58 12.15 -23.39 0.83
CA GLY A 58 12.93 -24.37 0.08
C GLY A 58 12.26 -24.78 -1.22
N ARG A 59 10.95 -25.03 -1.16
CA ARG A 59 10.20 -25.39 -2.36
C ARG A 59 10.22 -24.22 -3.35
N LEU A 60 10.06 -23.01 -2.83
CA LEU A 60 10.12 -21.81 -3.66
C LEU A 60 11.51 -21.64 -4.29
N LEU A 61 12.57 -21.84 -3.51
CA LEU A 61 13.93 -21.74 -4.04
C LEU A 61 14.20 -22.79 -5.13
N ARG A 62 13.69 -24.01 -4.91
CA ARG A 62 13.83 -25.08 -5.91
C ARG A 62 13.10 -24.70 -7.20
N LEU A 63 11.88 -24.17 -7.07
CA LEU A 63 11.09 -23.70 -8.22
C LEU A 63 11.86 -22.69 -9.06
N LEU A 64 12.53 -21.74 -8.40
CA LEU A 64 13.27 -20.69 -9.10
C LEU A 64 14.33 -21.26 -10.06
N LYS A 65 14.95 -22.38 -9.68
CA LYS A 65 15.98 -23.01 -10.51
C LYS A 65 15.42 -23.63 -11.80
N GLY A 66 14.14 -23.99 -11.78
CA GLY A 66 13.48 -24.62 -12.93
C GLY A 66 12.83 -23.64 -13.90
N LEU A 67 12.81 -22.35 -13.56
CA LEU A 67 12.18 -21.33 -14.41
C LEU A 67 13.08 -20.94 -15.59
N PRO A 68 12.50 -20.37 -16.66
CA PRO A 68 13.31 -19.98 -17.82
C PRO A 68 14.29 -18.84 -17.50
N ARG A 76 10.43 -3.68 -25.86
CA ARG A 76 9.34 -2.76 -26.15
C ARG A 76 9.73 -1.32 -25.85
N VAL A 77 9.67 -0.46 -26.87
CA VAL A 77 9.97 0.98 -26.71
C VAL A 77 8.70 1.81 -26.64
N VAL A 78 8.55 2.52 -25.53
CA VAL A 78 7.39 3.36 -25.30
C VAL A 78 7.81 4.81 -25.43
N GLU A 79 7.07 5.57 -26.24
CA GLU A 79 7.35 7.00 -26.45
C GLU A 79 6.54 7.84 -25.46
N ILE A 80 7.22 8.76 -24.78
CA ILE A 80 6.58 9.68 -23.85
C ILE A 80 6.72 11.12 -24.36
N PRO A 81 5.67 11.67 -24.99
CA PRO A 81 5.71 13.08 -25.36
C PRO A 81 5.72 13.93 -24.10
N VAL A 82 6.54 14.99 -24.09
CA VAL A 82 6.75 15.80 -22.90
CA VAL A 82 6.71 15.80 -22.90
C VAL A 82 6.77 17.29 -23.23
N ARG A 83 6.06 18.08 -22.43
CA ARG A 83 6.16 19.54 -22.50
C ARG A 83 7.15 19.95 -21.42
N TYR A 84 8.26 20.58 -21.81
CA TYR A 84 9.32 20.93 -20.86
C TYR A 84 9.04 22.29 -20.24
N ASP A 85 8.06 22.29 -19.33
CA ASP A 85 7.57 23.48 -18.64
C ASP A 85 7.77 23.33 -17.14
N GLY A 86 8.67 22.45 -16.72
CA GLY A 86 8.85 22.12 -15.33
C GLY A 86 9.28 23.31 -14.49
N GLU A 87 8.74 23.38 -13.27
CA GLU A 87 8.99 24.50 -12.36
C GLU A 87 10.47 24.62 -11.99
N ASP A 88 11.20 23.52 -12.02
CA ASP A 88 12.62 23.50 -11.64
C ASP A 88 13.60 23.59 -12.83
N LEU A 89 13.08 23.67 -14.05
CA LEU A 89 13.94 23.63 -15.23
C LEU A 89 15.00 24.73 -15.20
N PRO A 90 14.62 25.99 -14.89
CA PRO A 90 15.65 27.03 -14.83
C PRO A 90 16.73 26.78 -13.78
N GLU A 91 16.33 26.31 -12.59
CA GLU A 91 17.28 26.02 -11.52
C GLU A 91 18.19 24.84 -11.84
N VAL A 92 17.62 23.79 -12.42
CA VAL A 92 18.41 22.66 -12.87
C VAL A 92 19.49 23.11 -13.87
N ALA A 93 19.07 23.89 -14.87
CA ALA A 93 20.00 24.41 -15.89
C ALA A 93 21.14 25.21 -15.25
N SER A 94 20.79 26.11 -14.34
N SER A 94 20.77 26.10 -14.34
CA SER A 94 21.77 26.96 -13.67
CA SER A 94 21.74 26.97 -13.65
C SER A 94 22.77 26.15 -12.85
C SER A 94 22.75 26.17 -12.84
N ARG A 95 22.26 25.22 -12.05
CA ARG A 95 23.12 24.40 -11.19
C ARG A 95 24.06 23.48 -11.98
N LEU A 96 23.71 23.16 -13.21
CA LEU A 96 24.51 22.25 -14.04
C LEU A 96 25.35 22.98 -15.08
N GLY A 97 25.25 24.30 -15.15
CA GLY A 97 25.97 25.11 -16.13
C GLY A 97 25.48 24.92 -17.55
N LEU A 98 24.19 24.59 -17.68
CA LEU A 98 23.59 24.27 -18.97
C LEU A 98 22.58 25.32 -19.39
N SER A 99 22.38 25.44 -20.70
CA SER A 99 21.25 26.20 -21.23
C SER A 99 19.97 25.40 -21.03
N LEU A 100 18.83 26.09 -21.10
CA LEU A 100 17.53 25.43 -20.99
C LEU A 100 17.37 24.39 -22.08
N GLU A 101 17.76 24.74 -23.31
CA GLU A 101 17.67 23.80 -24.41
C GLU A 101 18.62 22.61 -24.25
N ALA A 102 19.77 22.84 -23.64
CA ALA A 102 20.73 21.76 -23.39
C ALA A 102 20.16 20.75 -22.41
N VAL A 103 19.48 21.24 -21.37
CA VAL A 103 18.79 20.34 -20.43
C VAL A 103 17.76 19.47 -21.13
N LYS A 104 16.90 20.10 -21.94
CA LYS A 104 15.89 19.36 -22.70
C LYS A 104 16.50 18.31 -23.60
N ALA A 105 17.56 18.67 -24.32
CA ALA A 105 18.21 17.74 -25.23
C ALA A 105 18.84 16.57 -24.50
N LEU A 106 19.52 16.85 -23.39
CA LEU A 106 20.12 15.79 -22.57
C LEU A 106 19.05 14.84 -22.03
N HIS A 107 17.93 15.38 -21.59
CA HIS A 107 16.86 14.53 -21.07
C HIS A 107 16.31 13.57 -22.12
N GLN A 108 16.19 14.03 -23.36
CA GLN A 108 15.66 13.20 -24.45
C GLN A 108 16.67 12.23 -25.05
N LYS A 109 17.96 12.42 -24.76
CA LYS A 109 19.00 11.64 -25.45
C LYS A 109 18.97 10.12 -25.20
N PRO A 110 18.90 9.67 -23.93
CA PRO A 110 19.01 8.24 -23.71
C PRO A 110 17.82 7.39 -24.17
N LEU A 111 18.09 6.13 -24.44
CA LEU A 111 17.04 5.12 -24.46
C LEU A 111 16.99 4.57 -23.04
N TYR A 112 16.02 5.02 -22.26
CA TYR A 112 15.92 4.64 -20.85
C TYR A 112 15.35 3.25 -20.70
N ARG A 113 15.60 2.67 -19.54
CA ARG A 113 15.01 1.41 -19.13
C ARG A 113 14.25 1.61 -17.82
N VAL A 114 13.08 0.99 -17.71
CA VAL A 114 12.33 0.97 -16.47
C VAL A 114 12.97 -0.05 -15.53
N TYR A 115 13.69 0.42 -14.52
CA TYR A 115 14.36 -0.44 -13.55
C TYR A 115 13.45 -0.85 -12.38
N ALA A 116 12.44 -0.04 -12.10
CA ALA A 116 11.50 -0.31 -11.04
C ALA A 116 10.21 0.42 -11.36
N LEU A 117 9.11 -0.06 -10.81
CA LEU A 117 7.82 0.49 -11.09
C LEU A 117 7.03 0.41 -9.82
N GLY A 118 6.45 1.53 -9.41
CA GLY A 118 5.41 1.48 -8.40
C GLY A 118 5.68 2.18 -7.08
N PHE A 119 6.55 3.18 -7.06
CA PHE A 119 6.68 4.00 -5.85
C PHE A 119 5.30 4.50 -5.42
N THR A 120 4.53 4.94 -6.41
CA THR A 120 3.06 4.96 -6.33
C THR A 120 2.63 4.15 -7.55
N PRO A 121 1.38 3.66 -7.59
CA PRO A 121 0.99 2.81 -8.71
C PRO A 121 1.36 3.37 -10.09
N GLY A 122 2.09 2.58 -10.87
CA GLY A 122 2.47 2.96 -12.23
C GLY A 122 3.66 3.89 -12.38
N PHE A 123 4.25 4.34 -11.27
CA PHE A 123 5.40 5.27 -11.28
C PHE A 123 6.67 4.55 -11.74
N PRO A 124 7.23 4.96 -12.89
CA PRO A 124 8.44 4.31 -13.38
C PRO A 124 9.70 4.98 -12.86
N PHE A 125 10.66 4.17 -12.42
CA PHE A 125 12.00 4.66 -12.15
C PHE A 125 12.85 4.26 -13.34
N LEU A 126 13.31 5.25 -14.08
CA LEU A 126 14.04 5.08 -15.34
C LEU A 126 15.50 5.48 -15.19
N ALA A 127 16.39 4.77 -15.89
CA ALA A 127 17.81 5.11 -15.93
C ALA A 127 18.33 4.74 -17.31
N GLU A 128 19.45 5.31 -17.78
CA GLU A 128 20.31 6.27 -17.07
C GLU A 128 20.21 7.69 -17.62
N VAL A 129 20.05 8.64 -16.71
CA VAL A 129 20.19 10.06 -17.04
C VAL A 129 21.63 10.34 -17.46
N GLU A 130 21.80 11.13 -18.51
CA GLU A 130 23.13 11.52 -18.99
C GLU A 130 23.94 12.15 -17.85
N PRO A 131 25.24 11.84 -17.77
CA PRO A 131 26.07 12.41 -16.70
C PRO A 131 25.90 13.92 -16.48
N ALA A 132 25.86 14.69 -17.56
CA ALA A 132 25.75 16.15 -17.47
C ALA A 132 24.44 16.64 -16.85
N LEU A 133 23.42 15.78 -16.82
CA LEU A 133 22.10 16.15 -16.28
C LEU A 133 21.86 15.59 -14.87
N ARG A 134 22.88 14.96 -14.27
CA ARG A 134 22.71 14.36 -12.95
C ARG A 134 22.85 15.39 -11.84
N LEU A 135 21.80 15.55 -11.03
CA LEU A 135 21.89 16.40 -9.87
C LEU A 135 21.01 15.88 -8.74
N PRO A 136 21.37 16.19 -7.49
CA PRO A 136 20.64 15.63 -6.36
C PRO A 136 19.21 16.12 -6.25
N ARG A 137 18.40 15.31 -5.58
CA ARG A 137 17.04 15.71 -5.25
C ARG A 137 17.05 16.91 -4.31
N LYS A 138 15.88 17.53 -4.15
CA LYS A 138 15.75 18.73 -3.33
C LYS A 138 15.96 18.39 -1.86
N PRO A 139 16.57 19.31 -1.09
CA PRO A 139 16.75 19.09 0.36
C PRO A 139 15.42 18.84 1.07
N HIS A 140 14.38 19.56 0.68
CA HIS A 140 13.06 19.38 1.23
C HIS A 140 12.08 19.10 0.10
N PRO A 141 11.27 18.04 0.22
CA PRO A 141 10.32 17.72 -0.84
C PRO A 141 9.13 18.69 -0.89
N ARG A 142 8.54 18.79 -2.07
CA ARG A 142 7.25 19.47 -2.22
C ARG A 142 6.17 18.61 -1.61
N PRO A 143 5.20 19.25 -0.90
CA PRO A 143 4.08 18.46 -0.40
C PRO A 143 3.17 17.89 -1.50
N ARG A 144 3.10 18.55 -2.66
N ARG A 144 3.10 18.58 -2.63
CA ARG A 144 2.27 18.07 -3.76
CA ARG A 144 2.30 18.14 -3.78
C ARG A 144 2.88 18.36 -5.14
C ARG A 144 3.03 18.41 -5.09
N VAL A 145 3.49 17.34 -5.73
CA VAL A 145 3.97 17.40 -7.10
C VAL A 145 2.74 17.05 -7.96
N PRO A 146 2.51 17.77 -9.07
CA PRO A 146 1.31 17.48 -9.84
C PRO A 146 1.39 16.15 -10.60
N ALA A 147 0.24 15.55 -10.88
CA ALA A 147 0.16 14.38 -11.74
C ALA A 147 0.83 14.71 -13.07
N HIS A 148 1.54 13.71 -13.60
CA HIS A 148 2.21 13.75 -14.92
C HIS A 148 3.52 14.52 -14.94
N ALA A 149 3.98 14.97 -13.78
CA ALA A 149 5.28 15.64 -13.69
C ALA A 149 6.40 14.68 -14.07
N VAL A 150 7.30 15.17 -14.92
CA VAL A 150 8.50 14.45 -15.33
C VAL A 150 9.68 15.07 -14.59
N ALA A 151 10.48 14.23 -13.94
CA ALA A 151 11.46 14.69 -12.96
C ALA A 151 12.76 13.92 -12.99
N VAL A 152 13.83 14.55 -12.49
CA VAL A 152 15.12 13.88 -12.41
C VAL A 152 15.75 14.00 -11.03
N ALA A 153 16.50 12.97 -10.66
CA ALA A 153 17.33 13.00 -9.47
C ALA A 153 18.46 12.02 -9.69
N GLY A 154 19.68 12.54 -9.68
CA GLY A 154 20.86 11.75 -9.97
C GLY A 154 20.75 11.04 -11.31
N VAL A 155 21.05 9.74 -11.31
CA VAL A 155 21.02 8.93 -12.53
C VAL A 155 19.60 8.53 -12.98
N GLN A 156 18.59 8.92 -12.21
CA GLN A 156 17.22 8.48 -12.48
C GLN A 156 16.29 9.58 -12.97
N THR A 157 15.34 9.19 -13.80
CA THR A 157 14.23 10.07 -14.17
C THR A 157 12.94 9.30 -13.92
N GLY A 158 11.85 10.03 -13.70
CA GLY A 158 10.59 9.40 -13.38
C GLY A 158 9.41 10.23 -13.81
N ILE A 159 8.23 9.61 -13.77
CA ILE A 159 6.99 10.29 -14.12
C ILE A 159 6.00 10.05 -12.99
N TYR A 160 5.56 11.12 -12.34
CA TYR A 160 4.56 11.03 -11.26
C TYR A 160 3.20 10.74 -11.91
N PRO A 161 2.60 9.56 -11.65
CA PRO A 161 1.32 9.26 -12.31
C PRO A 161 0.12 9.95 -11.65
N LEU A 162 0.28 10.27 -10.36
CA LEU A 162 -0.75 10.84 -9.51
C LEU A 162 -0.10 11.94 -8.68
N PRO A 163 -0.91 12.91 -8.20
CA PRO A 163 -0.33 13.91 -7.30
C PRO A 163 0.23 13.26 -6.05
N SER A 164 1.42 13.67 -5.65
CA SER A 164 2.04 13.12 -4.43
C SER A 164 3.17 14.03 -3.96
N PRO A 165 3.61 13.84 -2.70
CA PRO A 165 4.80 14.56 -2.27
C PRO A 165 6.01 14.06 -3.04
N GLY A 166 7.00 14.92 -3.22
CA GLY A 166 8.19 14.52 -3.98
C GLY A 166 9.27 15.59 -4.00
N GLY A 167 10.52 15.13 -3.98
CA GLY A 167 11.67 16.01 -3.95
C GLY A 167 12.53 15.95 -5.21
N TRP A 168 12.06 15.26 -6.24
CA TRP A 168 12.80 15.21 -7.50
C TRP A 168 12.67 16.54 -8.25
N ASN A 169 13.61 16.78 -9.16
CA ASN A 169 13.69 18.05 -9.87
C ASN A 169 12.76 18.02 -11.08
N LEU A 170 11.76 18.89 -11.09
CA LEU A 170 10.67 18.83 -12.08
C LEU A 170 11.06 19.56 -13.37
N LEU A 171 11.17 18.79 -14.44
CA LEU A 171 11.58 19.30 -15.75
C LEU A 171 10.43 19.55 -16.72
N GLY A 172 9.33 18.82 -16.56
CA GLY A 172 8.22 18.97 -17.47
C GLY A 172 7.00 18.18 -17.10
N THR A 173 6.12 18.03 -18.09
CA THR A 173 4.82 17.41 -17.94
C THR A 173 4.63 16.36 -19.04
N SER A 174 4.33 15.13 -18.65
CA SER A 174 4.04 14.07 -19.62
C SER A 174 2.70 14.35 -20.26
N LEU A 175 2.63 14.19 -21.59
CA LEU A 175 1.39 14.44 -22.33
C LEU A 175 0.59 13.15 -22.52
N VAL A 176 1.06 12.07 -21.90
CA VAL A 176 0.31 10.82 -21.79
CA VAL A 176 0.32 10.83 -21.79
C VAL A 176 0.24 10.43 -20.31
N ALA A 177 -0.89 9.86 -19.90
CA ALA A 177 -1.06 9.38 -18.53
C ALA A 177 -0.46 7.99 -18.44
N VAL A 178 0.55 7.83 -17.59
CA VAL A 178 1.21 6.53 -17.45
C VAL A 178 0.33 5.55 -16.66
N TYR A 179 -0.64 6.06 -15.92
CA TYR A 179 -1.54 5.24 -15.11
C TYR A 179 -2.98 5.72 -15.21
N ASP A 180 -3.90 4.83 -15.58
CA ASP A 180 -5.32 5.16 -15.65
C ASP A 180 -6.13 3.90 -15.39
N PRO A 181 -6.71 3.78 -14.19
CA PRO A 181 -7.41 2.54 -13.84
C PRO A 181 -8.71 2.29 -14.62
N HIS A 182 -9.14 3.26 -15.43
CA HIS A 182 -10.36 3.12 -16.22
C HIS A 182 -10.16 2.56 -17.62
N ARG A 183 -8.93 2.59 -18.15
CA ARG A 183 -8.74 2.12 -19.52
C ARG A 183 -8.40 0.62 -19.56
N GLU A 184 -8.47 0.05 -20.77
CA GLU A 184 -8.23 -1.37 -20.98
C GLU A 184 -6.88 -1.85 -20.43
N THR A 185 -5.86 -1.01 -20.60
CA THR A 185 -4.51 -1.31 -20.14
C THR A 185 -4.08 -0.20 -19.18
N PRO A 186 -4.38 -0.36 -17.88
CA PRO A 186 -4.16 0.72 -16.92
C PRO A 186 -2.73 1.25 -16.85
N PHE A 187 -1.75 0.35 -16.98
CA PHE A 187 -0.34 0.70 -16.82
C PHE A 187 0.32 0.79 -18.18
N LEU A 188 0.77 1.99 -18.53
CA LEU A 188 1.44 2.22 -19.80
C LEU A 188 2.81 1.58 -19.82
N LEU A 189 3.45 1.52 -18.65
CA LEU A 189 4.82 1.04 -18.54
C LEU A 189 4.90 -0.16 -17.63
N ARG A 190 5.79 -1.08 -17.99
CA ARG A 190 6.05 -2.26 -17.21
C ARG A 190 7.54 -2.32 -16.88
N PRO A 191 7.89 -3.03 -15.80
CA PRO A 191 9.31 -3.21 -15.50
C PRO A 191 10.03 -3.80 -16.70
N GLY A 192 11.19 -3.25 -17.03
CA GLY A 192 11.97 -3.69 -18.17
C GLY A 192 11.66 -3.05 -19.50
N ASP A 193 10.57 -2.29 -19.61
CA ASP A 193 10.30 -1.54 -20.84
C ASP A 193 11.43 -0.55 -21.13
N ARG A 194 11.60 -0.23 -22.42
CA ARG A 194 12.48 0.86 -22.80
C ARG A 194 11.61 2.08 -23.09
N VAL A 195 12.14 3.25 -22.81
CA VAL A 195 11.38 4.48 -22.87
C VAL A 195 12.20 5.58 -23.52
N ARG A 196 11.56 6.34 -24.39
CA ARG A 196 12.16 7.54 -24.98
CA ARG A 196 12.18 7.54 -24.94
C ARG A 196 11.24 8.72 -24.75
N PHE A 197 11.81 9.86 -24.33
CA PHE A 197 11.08 11.09 -24.19
C PHE A 197 11.25 11.92 -25.45
N LEU A 198 10.20 12.67 -25.79
CA LEU A 198 10.23 13.52 -26.97
C LEU A 198 9.49 14.82 -26.70
N GLU A 199 10.13 15.96 -26.94
CA GLU A 199 9.50 17.24 -26.71
C GLU A 199 8.29 17.37 -27.64
N ALA A 200 7.18 17.83 -27.07
CA ALA A 200 5.93 17.95 -27.81
C ALA A 200 5.03 18.99 -27.19
N GLU A 201 4.07 19.45 -27.99
CA GLU A 201 3.01 20.34 -27.54
C GLU A 201 1.74 19.53 -27.34
N GLY A 202 0.89 19.97 -26.43
CA GLY A 202 -0.38 19.31 -26.19
C GLY A 202 -0.91 19.65 -24.82
N PRO A 203 -2.16 19.26 -24.56
CA PRO A 203 -2.79 19.50 -23.27
C PRO A 203 -2.26 18.56 -22.18
N THR A 204 -2.31 19.03 -20.95
CA THR A 204 -1.96 18.19 -19.81
C THR A 204 -3.06 17.16 -19.65
N PRO A 205 -2.70 15.86 -19.54
CA PRO A 205 -3.74 14.86 -19.35
C PRO A 205 -4.47 15.06 -18.03
N PRO A 206 -5.75 14.68 -17.97
CA PRO A 206 -6.45 14.78 -16.68
C PRO A 206 -5.82 13.89 -15.61
N GLU A 207 -6.05 14.22 -14.34
CA GLU A 207 -5.66 13.33 -13.25
C GLU A 207 -6.47 12.04 -13.35
N PRO A 208 -5.86 10.90 -13.01
CA PRO A 208 -6.63 9.67 -12.94
C PRO A 208 -7.87 9.83 -12.08
N ARG A 209 -9.00 9.34 -12.57
CA ARG A 209 -10.25 9.41 -11.83
C ARG A 209 -10.41 8.14 -10.99
N PRO A 210 -10.91 8.27 -9.75
CA PRO A 210 -11.07 7.06 -8.92
C PRO A 210 -11.93 5.99 -9.59
N LEU A 211 -11.52 4.73 -9.44
CA LEU A 211 -12.26 3.60 -10.00
C LEU A 211 -13.25 3.10 -8.95
N GLU A 212 -14.53 3.11 -9.30
CA GLU A 212 -15.58 2.59 -8.41
C GLU A 212 -15.58 1.07 -8.41
N LEU A 213 -15.52 0.49 -7.22
CA LEU A 213 -15.64 -0.96 -7.04
C LEU A 213 -17.05 -1.37 -6.62
N LEU A 214 -17.72 -0.51 -5.86
CA LEU A 214 -19.06 -0.83 -5.37
C LEU A 214 -20.07 -0.73 -6.49
N PRO A 215 -20.96 -1.73 -6.60
CA PRO A 215 -21.94 -1.70 -7.69
C PRO A 215 -22.94 -0.55 -7.54
N GLU A 216 -23.31 0.03 -8.68
CA GLU A 216 -24.27 1.12 -8.71
C GLU A 216 -25.67 0.57 -8.46
N GLU A 217 -25.92 -0.64 -8.98
CA GLU A 217 -27.20 -1.32 -8.81
C GLU A 217 -26.97 -2.65 -8.09
N PRO A 218 -26.78 -2.60 -6.76
CA PRO A 218 -26.58 -3.86 -6.04
C PRO A 218 -27.76 -4.80 -6.23
N ARG A 219 -27.46 -6.08 -6.42
CA ARG A 219 -28.48 -7.09 -6.67
C ARG A 219 -29.39 -7.31 -5.47
N LEU A 220 -28.81 -7.23 -4.28
CA LEU A 220 -29.51 -7.49 -3.02
C LEU A 220 -29.20 -6.37 -2.01
N PRO A 221 -29.83 -5.20 -2.19
CA PRO A 221 -29.54 -4.08 -1.29
C PRO A 221 -29.71 -4.46 0.18
N ALA A 222 -28.72 -4.11 0.98
CA ALA A 222 -28.62 -4.59 2.36
C ALA A 222 -28.63 -3.47 3.38
N LEU A 223 -27.85 -2.42 3.12
CA LEU A 223 -27.70 -1.34 4.09
C LEU A 223 -27.37 -0.01 3.43
N LEU A 224 -27.74 1.05 4.12
CA LEU A 224 -27.50 2.43 3.73
C LEU A 224 -26.52 3.06 4.69
N VAL A 225 -25.51 3.73 4.12
CA VAL A 225 -24.61 4.55 4.91
C VAL A 225 -25.29 5.91 5.08
N GLU A 226 -25.80 6.17 6.28
CA GLU A 226 -26.45 7.44 6.57
C GLU A 226 -25.41 8.53 6.81
N GLU A 227 -24.38 8.17 7.58
N GLU A 227 -24.38 8.20 7.58
CA GLU A 227 -23.25 9.06 7.86
CA GLU A 227 -23.26 9.10 7.80
C GLU A 227 -21.98 8.23 7.78
C GLU A 227 -21.96 8.31 7.86
N PRO A 228 -20.94 8.74 7.11
CA PRO A 228 -19.67 8.03 7.10
C PRO A 228 -18.91 8.22 8.40
N GLY A 229 -18.06 7.28 8.72
CA GLY A 229 -17.06 7.46 9.76
C GLY A 229 -15.84 8.16 9.16
N LEU A 230 -14.74 8.14 9.91
CA LEU A 230 -13.51 8.79 9.46
C LEU A 230 -12.99 8.20 8.14
N MET A 231 -12.93 6.88 8.07
CA MET A 231 -12.44 6.18 6.87
C MET A 231 -12.96 4.75 6.85
N ASP A 232 -14.21 4.59 6.41
CA ASP A 232 -14.85 3.28 6.33
C ASP A 232 -14.50 2.67 4.98
N LEU A 233 -13.96 1.46 5.00
CA LEU A 233 -13.49 0.79 3.80
C LEU A 233 -14.12 -0.59 3.69
N VAL A 234 -14.58 -0.95 2.50
CA VAL A 234 -14.95 -2.33 2.22
C VAL A 234 -13.68 -3.06 1.81
N VAL A 235 -13.25 -4.03 2.62
CA VAL A 235 -12.02 -4.79 2.34
C VAL A 235 -12.28 -6.28 2.23
N ASP A 236 -11.50 -6.95 1.36
CA ASP A 236 -11.45 -8.42 1.35
C ASP A 236 -10.09 -8.88 1.89
N GLY A 237 -9.63 -10.08 1.54
CA GLY A 237 -8.36 -10.60 2.08
C GLY A 237 -7.12 -9.79 1.69
N GLY A 238 -7.21 -9.03 0.62
CA GLY A 238 -6.10 -8.23 0.12
C GLY A 238 -5.88 -8.43 -1.37
N ARG A 239 -5.03 -7.58 -1.94
CA ARG A 239 -4.67 -7.68 -3.35
C ARG A 239 -3.27 -8.27 -3.41
N PHE A 240 -3.16 -9.38 -4.12
CA PHE A 240 -1.90 -10.12 -4.22
C PHE A 240 -1.31 -10.05 -5.61
N LEU A 241 0.00 -10.28 -5.69
CA LEU A 241 0.75 -10.35 -6.95
C LEU A 241 0.67 -9.03 -7.74
N GLY A 242 0.54 -7.92 -7.01
CA GLY A 242 0.46 -6.59 -7.64
C GLY A 242 1.57 -5.63 -7.26
N GLY A 243 2.49 -6.07 -6.40
CA GLY A 243 3.57 -5.19 -5.93
C GLY A 243 4.48 -4.70 -7.03
N HIS A 244 4.65 -5.50 -8.08
CA HIS A 244 5.48 -5.11 -9.22
C HIS A 244 4.89 -3.92 -10.01
N LEU A 245 3.63 -3.59 -9.73
CA LEU A 245 2.96 -2.45 -10.35
C LEU A 245 2.78 -1.28 -9.38
N GLY A 246 3.19 -1.47 -8.13
CA GLY A 246 2.96 -0.46 -7.10
C GLY A 246 1.68 -0.60 -6.31
N LEU A 247 0.99 -1.73 -6.47
CA LEU A 247 -0.29 -1.94 -5.80
C LEU A 247 -0.08 -2.55 -4.43
N ALA A 248 -0.59 -1.88 -3.40
CA ALA A 248 -0.42 -2.32 -2.01
C ALA A 248 -1.22 -3.59 -1.74
N ARG A 249 -0.82 -4.31 -0.69
CA ARG A 249 -1.53 -5.48 -0.24
C ARG A 249 -2.96 -5.12 0.16
N SER A 250 -3.09 -4.01 0.89
CA SER A 250 -4.38 -3.56 1.40
C SER A 250 -5.01 -4.69 2.25
N GLY A 251 -6.33 -4.84 2.19
CA GLY A 251 -7.00 -5.82 3.05
C GLY A 251 -7.17 -5.27 4.46
N PRO A 252 -7.55 -6.13 5.42
CA PRO A 252 -7.81 -5.63 6.77
C PRO A 252 -6.51 -5.37 7.53
N LEU A 253 -6.48 -4.31 8.33
CA LEU A 253 -5.27 -3.97 9.10
C LEU A 253 -5.13 -4.86 10.34
N ASP A 254 -6.28 -5.32 10.86
CA ASP A 254 -6.31 -6.34 11.92
C ASP A 254 -7.03 -7.55 11.34
N ALA A 255 -6.26 -8.40 10.67
CA ALA A 255 -6.82 -9.51 9.89
C ALA A 255 -7.53 -10.57 10.75
N PRO A 256 -6.98 -10.91 11.93
CA PRO A 256 -7.71 -11.88 12.75
C PRO A 256 -9.11 -11.41 13.16
N SER A 257 -9.26 -10.13 13.43
CA SER A 257 -10.58 -9.58 13.77
C SER A 257 -11.52 -9.64 12.57
N ALA A 258 -11.00 -9.30 11.38
CA ALA A 258 -11.80 -9.38 10.16
C ALA A 258 -12.27 -10.81 9.90
N ARG A 259 -11.34 -11.75 10.02
CA ARG A 259 -11.67 -13.16 9.81
C ARG A 259 -12.71 -13.66 10.81
N LEU A 260 -12.60 -13.22 12.07
CA LEU A 260 -13.56 -13.59 13.11
C LEU A 260 -14.98 -13.10 12.77
N ALA A 261 -15.08 -11.83 12.38
CA ALA A 261 -16.36 -11.25 11.99
C ALA A 261 -17.02 -12.06 10.87
N ASN A 262 -16.25 -12.38 9.83
CA ASN A 262 -16.78 -13.19 8.73
C ASN A 262 -17.20 -14.58 9.14
N ARG A 263 -16.38 -15.22 9.96
CA ARG A 263 -16.69 -16.58 10.41
C ARG A 263 -17.94 -16.65 11.28
N LEU A 264 -18.20 -15.59 12.05
CA LEU A 264 -19.40 -15.52 12.89
C LEU A 264 -20.71 -15.56 12.08
N VAL A 265 -20.67 -15.05 10.85
CA VAL A 265 -21.85 -15.06 9.99
C VAL A 265 -21.75 -16.08 8.86
N GLY A 266 -20.85 -17.06 9.00
CA GLY A 266 -20.73 -18.16 8.06
C GLY A 266 -20.06 -17.85 6.74
N ASN A 267 -19.35 -16.73 6.66
CA ASN A 267 -18.62 -16.36 5.44
C ASN A 267 -17.22 -16.96 5.41
N GLY A 268 -16.66 -17.06 4.21
CA GLY A 268 -15.22 -17.30 4.06
C GLY A 268 -14.44 -16.16 4.70
N ALA A 269 -13.27 -16.47 5.23
CA ALA A 269 -12.48 -15.51 6.03
C ALA A 269 -12.21 -14.20 5.32
N GLY A 270 -12.07 -14.26 4.00
CA GLY A 270 -11.76 -13.08 3.19
C GLY A 270 -12.90 -12.46 2.41
N ALA A 271 -14.15 -12.85 2.70
CA ALA A 271 -15.32 -12.22 2.07
C ALA A 271 -15.34 -10.72 2.37
N PRO A 272 -15.85 -9.90 1.42
CA PRO A 272 -15.80 -8.46 1.68
C PRO A 272 -16.61 -8.03 2.89
N LEU A 273 -16.01 -7.21 3.74
CA LEU A 273 -16.68 -6.67 4.94
C LEU A 273 -16.22 -5.24 5.15
N LEU A 274 -16.80 -4.58 6.15
CA LEU A 274 -16.49 -3.18 6.44
CA LEU A 274 -16.49 -3.18 6.46
C LEU A 274 -15.43 -3.06 7.55
N GLU A 275 -14.41 -2.24 7.30
CA GLU A 275 -13.43 -1.86 8.32
C GLU A 275 -13.66 -0.38 8.60
N PHE A 276 -13.65 -0.01 9.87
CA PHE A 276 -13.69 1.41 10.25
C PHE A 276 -12.75 1.68 11.41
N ALA A 277 -12.25 2.92 11.47
CA ALA A 277 -11.26 3.28 12.46
C ALA A 277 -11.58 4.62 13.11
N TYR A 278 -11.35 4.70 14.42
CA TYR A 278 -11.46 5.94 15.20
C TYR A 278 -12.92 6.42 15.39
N LYS A 279 -13.63 6.61 14.28
CA LYS A 279 -15.03 6.96 14.30
C LYS A 279 -15.76 6.10 13.27
N GLY A 280 -16.81 5.44 13.72
CA GLY A 280 -17.57 4.53 12.88
C GLY A 280 -18.70 5.22 12.15
N PRO A 281 -19.27 4.53 11.14
CA PRO A 281 -20.38 5.05 10.39
C PRO A 281 -21.70 4.89 11.12
N VAL A 282 -22.72 5.56 10.61
CA VAL A 282 -24.10 5.33 11.02
C VAL A 282 -24.78 4.61 9.86
N LEU A 283 -25.27 3.40 10.11
CA LEU A 283 -25.76 2.52 9.06
C LEU A 283 -27.20 2.10 9.36
N THR A 284 -28.02 1.99 8.32
CA THR A 284 -29.39 1.50 8.50
C THR A 284 -29.65 0.33 7.57
N ALA A 285 -30.19 -0.76 8.13
CA ALA A 285 -30.51 -1.96 7.38
C ALA A 285 -31.68 -1.69 6.43
N LEU A 286 -31.58 -2.22 5.20
CA LEU A 286 -32.64 -2.13 4.21
C LEU A 286 -33.40 -3.45 4.06
N ARG A 287 -32.92 -4.48 4.76
CA ARG A 287 -33.59 -5.77 4.85
C ARG A 287 -33.17 -6.35 6.21
N ASP A 288 -33.83 -7.41 6.65
CA ASP A 288 -33.39 -8.08 7.88
C ASP A 288 -32.08 -8.80 7.61
N LEU A 289 -31.05 -8.46 8.38
CA LEU A 289 -29.70 -8.98 8.21
C LEU A 289 -29.24 -9.71 9.45
N VAL A 290 -28.31 -10.65 9.26
CA VAL A 290 -27.51 -11.13 10.36
C VAL A 290 -26.11 -10.60 10.11
N ALA A 291 -25.61 -9.87 11.09
CA ALA A 291 -24.31 -9.21 11.00
C ALA A 291 -23.47 -9.56 12.20
N ALA A 292 -22.16 -9.33 12.12
CA ALA A 292 -21.28 -9.56 13.24
C ALA A 292 -20.27 -8.42 13.35
N PHE A 293 -19.99 -8.05 14.59
CA PHE A 293 -19.06 -7.00 14.92
C PHE A 293 -17.87 -7.62 15.63
N ALA A 294 -16.66 -7.27 15.17
CA ALA A 294 -15.43 -7.76 15.79
C ALA A 294 -14.37 -6.68 15.73
N GLY A 295 -13.26 -6.90 16.43
CA GLY A 295 -12.23 -5.88 16.55
C GLY A 295 -12.33 -5.14 17.86
N TYR A 296 -11.82 -3.92 17.89
CA TYR A 296 -11.64 -3.18 19.13
C TYR A 296 -11.95 -1.70 18.94
N GLY A 297 -12.06 -0.98 20.05
CA GLY A 297 -12.23 0.46 20.01
C GLY A 297 -13.67 0.96 20.04
N PHE A 298 -14.63 0.04 19.99
CA PHE A 298 -16.06 0.40 19.98
C PHE A 298 -16.92 -0.67 20.61
N VAL A 299 -18.13 -0.28 20.99
CA VAL A 299 -19.24 -1.22 21.18
C VAL A 299 -20.31 -0.81 20.18
N ALA A 300 -20.94 -1.79 19.55
CA ALA A 300 -22.00 -1.52 18.60
C ALA A 300 -23.27 -1.17 19.38
N LEU A 301 -24.08 -0.29 18.80
CA LEU A 301 -25.32 0.17 19.42
CA LEU A 301 -25.31 0.17 19.42
C LEU A 301 -26.47 -0.08 18.47
N LEU A 302 -27.45 -0.88 18.91
CA LEU A 302 -28.59 -1.21 18.08
C LEU A 302 -29.84 -1.30 18.96
N GLU A 303 -30.85 -0.49 18.62
CA GLU A 303 -32.13 -0.49 19.33
C GLU A 303 -31.96 -0.32 20.84
N GLY A 304 -31.01 0.56 21.23
CA GLY A 304 -30.75 0.87 22.63
C GLY A 304 -29.78 -0.06 23.35
N GLU A 305 -29.46 -1.21 22.74
CA GLU A 305 -28.60 -2.22 23.37
C GLU A 305 -27.16 -2.06 22.91
N GLU A 306 -26.21 -2.27 23.82
CA GLU A 306 -24.80 -2.33 23.48
C GLU A 306 -24.42 -3.76 23.08
N ILE A 307 -23.66 -3.89 22.00
CA ILE A 307 -23.19 -5.18 21.50
C ILE A 307 -21.66 -5.15 21.49
N PRO A 308 -21.02 -5.88 22.41
CA PRO A 308 -19.56 -5.90 22.41
C PRO A 308 -19.02 -6.71 21.24
N PRO A 309 -17.76 -6.46 20.84
CA PRO A 309 -17.22 -7.16 19.69
C PRO A 309 -17.08 -8.66 19.95
N GLY A 310 -17.18 -9.44 18.88
CA GLY A 310 -17.03 -10.88 18.92
C GLY A 310 -18.33 -11.65 18.88
N GLN A 311 -19.40 -11.02 18.40
CA GLN A 311 -20.67 -11.72 18.28
C GLN A 311 -21.51 -11.26 17.11
N SER A 312 -22.44 -12.12 16.71
CA SER A 312 -23.38 -11.82 15.64
C SER A 312 -24.75 -11.50 16.23
N PHE A 313 -25.55 -10.80 15.44
CA PHE A 313 -26.82 -10.28 15.91
C PHE A 313 -27.78 -10.11 14.75
N LEU A 314 -29.07 -10.04 15.07
CA LEU A 314 -30.09 -9.74 14.07
C LEU A 314 -30.17 -8.22 13.95
N TRP A 315 -30.14 -7.74 12.71
CA TRP A 315 -30.19 -6.33 12.41
C TRP A 315 -31.43 -6.11 11.53
N PRO A 316 -32.55 -5.69 12.15
CA PRO A 316 -33.82 -5.64 11.42
C PRO A 316 -33.91 -4.49 10.45
N ARG A 317 -34.68 -4.69 9.37
CA ARG A 317 -34.92 -3.66 8.38
C ARG A 317 -35.34 -2.36 9.04
N GLY A 318 -34.72 -1.26 8.62
CA GLY A 318 -35.08 0.08 9.09
C GLY A 318 -34.46 0.49 10.41
N LYS A 319 -33.73 -0.40 11.07
CA LYS A 319 -33.08 -0.07 12.33
C LYS A 319 -31.66 0.41 12.10
N THR A 320 -31.24 1.37 12.90
CA THR A 320 -29.95 2.03 12.73
C THR A 320 -28.91 1.49 13.69
N LEU A 321 -27.76 1.17 13.13
CA LEU A 321 -26.61 0.63 13.85
C LEU A 321 -25.55 1.73 13.98
N ARG A 322 -25.05 1.92 15.19
CA ARG A 322 -24.02 2.93 15.46
C ARG A 322 -22.88 2.26 16.21
N PHE A 323 -21.76 2.97 16.34
CA PHE A 323 -20.60 2.44 17.03
C PHE A 323 -20.10 3.46 18.03
N ARG A 324 -20.24 3.12 19.31
CA ARG A 324 -19.83 3.99 20.40
C ARG A 324 -18.37 3.75 20.72
N PRO A 325 -17.52 4.79 20.58
CA PRO A 325 -16.10 4.57 20.91
C PRO A 325 -15.91 4.10 22.36
N ARG A 326 -15.04 3.13 22.56
CA ARG A 326 -14.80 2.61 23.90
C ARG A 326 -13.49 1.85 24.00
N GLY A 327 -12.80 2.09 25.11
CA GLY A 327 -11.66 1.29 25.52
C GLY A 327 -10.46 1.47 24.64
N PRO A 328 -9.47 0.57 24.78
CA PRO A 328 -8.33 0.60 23.88
C PRO A 328 -8.71 0.04 22.53
N GLY A 329 -7.93 0.41 21.52
CA GLY A 329 -8.18 -0.03 20.18
C GLY A 329 -8.84 1.08 19.41
N VAL A 330 -8.83 0.94 18.10
CA VAL A 330 -9.36 1.95 17.22
C VAL A 330 -10.07 1.39 16.00
N ARG A 331 -9.97 0.09 15.75
CA ARG A 331 -10.38 -0.48 14.46
C ARG A 331 -11.38 -1.60 14.62
N GLY A 332 -12.56 -1.41 14.03
CA GLY A 332 -13.65 -2.38 14.08
C GLY A 332 -13.98 -2.95 12.71
N TYR A 333 -14.67 -4.09 12.73
CA TYR A 333 -15.11 -4.79 11.53
C TYR A 333 -16.57 -5.17 11.63
N LEU A 334 -17.31 -4.95 10.54
CA LEU A 334 -18.69 -5.37 10.45
C LEU A 334 -18.84 -6.29 9.25
N ALA A 335 -19.22 -7.54 9.50
CA ALA A 335 -19.51 -8.51 8.46
C ALA A 335 -21.00 -8.74 8.37
N VAL A 336 -21.47 -9.13 7.19
CA VAL A 336 -22.86 -9.50 7.00
C VAL A 336 -22.93 -10.87 6.34
N ALA A 337 -23.91 -11.68 6.76
CA ALA A 337 -24.09 -13.01 6.23
C ALA A 337 -24.24 -12.94 4.71
N GLY A 338 -23.38 -13.65 4.00
CA GLY A 338 -23.34 -13.62 2.55
C GLY A 338 -22.23 -12.75 1.97
N GLY A 339 -21.70 -11.83 2.77
CA GLY A 339 -20.65 -10.91 2.32
C GLY A 339 -21.20 -9.78 1.47
N LEU A 340 -20.38 -8.75 1.25
CA LEU A 340 -20.79 -7.60 0.45
C LEU A 340 -20.46 -7.79 -1.02
N GLU A 341 -21.36 -7.30 -1.88
CA GLU A 341 -21.15 -7.29 -3.32
C GLU A 341 -20.18 -6.17 -3.68
N VAL A 342 -19.07 -6.54 -4.33
CA VAL A 342 -18.02 -5.60 -4.72
C VAL A 342 -17.37 -6.11 -5.99
N ARG A 343 -17.11 -5.21 -6.94
CA ARG A 343 -16.41 -5.58 -8.16
C ARG A 343 -14.92 -5.67 -7.87
N PRO A 344 -14.27 -6.71 -8.37
CA PRO A 344 -12.82 -6.79 -8.16
C PRO A 344 -12.02 -5.95 -9.16
N PHE A 345 -10.81 -5.57 -8.75
CA PHE A 345 -9.82 -5.00 -9.63
C PHE A 345 -8.51 -5.77 -9.41
N LEU A 346 -8.02 -6.40 -10.47
CA LEU A 346 -6.84 -7.25 -10.42
C LEU A 346 -6.88 -8.24 -9.26
N GLY A 347 -8.00 -8.97 -9.15
CA GLY A 347 -8.13 -10.08 -8.22
C GLY A 347 -8.69 -9.76 -6.85
N SER A 348 -8.91 -8.47 -6.55
CA SER A 348 -9.33 -8.07 -5.22
C SER A 348 -10.33 -6.93 -5.22
N ALA A 349 -11.23 -6.97 -4.24
CA ALA A 349 -12.18 -5.89 -3.99
C ALA A 349 -11.64 -4.85 -3.01
N SER A 350 -10.42 -5.04 -2.51
CA SER A 350 -9.85 -4.12 -1.52
C SER A 350 -9.41 -2.81 -2.17
N PRO A 351 -9.57 -1.70 -1.46
CA PRO A 351 -9.18 -0.41 -2.02
C PRO A 351 -7.67 -0.21 -2.05
N ASP A 352 -7.20 0.53 -3.05
CA ASP A 352 -5.84 1.04 -3.03
C ASP A 352 -5.99 2.55 -3.15
N LEU A 353 -6.08 3.22 -2.01
CA LEU A 353 -6.43 4.63 -2.00
C LEU A 353 -5.33 5.48 -2.67
N ARG A 354 -4.07 5.07 -2.50
CA ARG A 354 -2.95 5.70 -3.20
C ARG A 354 -3.17 5.66 -4.72
N GLY A 355 -3.65 4.53 -5.23
CA GLY A 355 -3.90 4.36 -6.65
C GLY A 355 -5.29 4.77 -7.13
N ARG A 356 -6.08 5.38 -6.24
CA ARG A 356 -7.48 5.74 -6.52
C ARG A 356 -8.30 4.54 -7.03
N ILE A 357 -8.05 3.38 -6.43
CA ILE A 357 -8.83 2.18 -6.68
C ILE A 357 -9.75 2.04 -5.46
N GLY A 358 -11.04 2.19 -5.69
CA GLY A 358 -12.01 2.25 -4.60
C GLY A 358 -11.92 3.55 -3.82
N ARG A 359 -12.68 3.63 -2.74
CA ARG A 359 -12.75 4.85 -1.93
C ARG A 359 -13.40 4.54 -0.59
N PRO A 360 -13.26 5.46 0.37
CA PRO A 360 -14.04 5.32 1.59
C PRO A 360 -15.53 5.52 1.35
N LEU A 361 -16.35 4.97 2.23
CA LEU A 361 -17.78 5.11 2.10
C LEU A 361 -18.20 6.57 2.27
N TRP A 362 -19.26 6.92 1.54
CA TRP A 362 -19.86 8.25 1.54
C TRP A 362 -21.29 8.13 2.05
N ALA A 363 -21.80 9.20 2.64
CA ALA A 363 -23.22 9.30 2.96
C ALA A 363 -24.02 8.99 1.70
N GLY A 364 -25.02 8.12 1.83
CA GLY A 364 -25.90 7.77 0.72
C GLY A 364 -25.52 6.49 -0.01
N ASP A 365 -24.33 5.95 0.27
CA ASP A 365 -23.91 4.68 -0.33
C ASP A 365 -24.88 3.59 0.10
N VAL A 366 -25.28 2.77 -0.87
CA VAL A 366 -26.05 1.56 -0.59
C VAL A 366 -25.17 0.34 -0.89
N LEU A 367 -24.99 -0.51 0.12
CA LEU A 367 -24.23 -1.74 -0.04
C LEU A 367 -25.18 -2.92 -0.11
N GLY A 368 -24.81 -3.92 -0.92
CA GLY A 368 -25.64 -5.10 -1.12
C GLY A 368 -24.95 -6.40 -0.74
N LEU A 369 -25.74 -7.46 -0.59
CA LEU A 369 -25.21 -8.80 -0.31
C LEU A 369 -24.68 -9.46 -1.58
N GLU A 370 -23.54 -10.15 -1.46
CA GLU A 370 -23.00 -10.91 -2.59
C GLU A 370 -23.95 -12.06 -2.95
N ALA A 371 -24.51 -12.69 -1.93
CA ALA A 371 -25.45 -13.81 -2.11
C ALA A 371 -26.32 -13.97 -0.87
N LEU A 372 -27.42 -14.68 -1.02
CA LEU A 372 -28.28 -15.02 0.11
C LEU A 372 -27.75 -16.30 0.76
N ARG A 373 -27.14 -16.15 1.93
CA ARG A 373 -26.55 -17.26 2.67
C ARG A 373 -26.94 -17.10 4.13
N PRO A 374 -28.22 -17.39 4.43
CA PRO A 374 -28.73 -17.14 5.78
C PRO A 374 -28.07 -18.01 6.85
N VAL A 375 -27.85 -17.40 8.01
CA VAL A 375 -27.39 -18.12 9.20
C VAL A 375 -28.09 -17.55 10.42
N ARG A 376 -28.16 -18.34 11.49
CA ARG A 376 -28.76 -17.88 12.74
C ARG A 376 -27.90 -16.81 13.40
N PRO A 377 -28.53 -15.79 14.00
CA PRO A 377 -27.81 -14.81 14.79
C PRO A 377 -27.43 -15.37 16.16
N GLY A 378 -26.64 -14.61 16.91
CA GLY A 378 -26.33 -14.94 18.30
C GLY A 378 -25.11 -15.83 18.51
N ARG A 379 -24.27 -16.00 17.49
CA ARG A 379 -23.01 -16.69 17.66
C ARG A 379 -22.04 -15.77 18.38
N ALA A 380 -21.11 -16.35 19.14
CA ALA A 380 -20.07 -15.57 19.78
C ALA A 380 -18.79 -16.39 19.89
N PHE A 381 -17.65 -15.72 19.71
CA PHE A 381 -16.34 -16.34 19.87
C PHE A 381 -15.48 -15.37 20.67
N PRO A 382 -14.62 -15.88 21.58
CA PRO A 382 -13.85 -14.96 22.39
C PRO A 382 -12.78 -14.24 21.57
N GLN A 383 -12.62 -12.95 21.81
CA GLN A 383 -11.51 -12.21 21.21
C GLN A 383 -10.33 -12.23 22.15
N ARG A 384 -9.14 -12.33 21.58
CA ARG A 384 -7.92 -12.15 22.35
C ARG A 384 -7.95 -10.74 22.97
N PRO A 385 -7.46 -10.60 24.21
CA PRO A 385 -7.46 -9.25 24.77
C PRO A 385 -6.44 -8.34 24.08
N LEU A 386 -6.75 -7.06 24.01
CA LEU A 386 -5.84 -6.07 23.46
C LEU A 386 -5.12 -5.42 24.63
N PRO A 387 -3.78 -5.58 24.70
CA PRO A 387 -3.06 -5.01 25.83
C PRO A 387 -2.93 -3.49 25.75
N GLU A 388 -2.71 -2.85 26.89
CA GLU A 388 -2.60 -1.38 26.96
C GLU A 388 -1.28 -0.89 26.36
N ALA A 389 -0.23 -1.70 26.49
CA ALA A 389 1.06 -1.45 25.85
C ALA A 389 1.42 -2.65 24.99
N PHE A 390 2.11 -2.42 23.89
CA PHE A 390 2.42 -3.48 22.93
C PHE A 390 3.84 -3.99 23.10
N ARG A 391 3.97 -5.32 23.21
CA ARG A 391 5.24 -5.99 23.17
C ARG A 391 5.37 -6.56 21.76
N LEU A 392 6.30 -6.02 20.98
CA LEU A 392 6.48 -6.39 19.58
C LEU A 392 7.79 -7.12 19.39
N ARG A 393 7.72 -8.36 18.91
CA ARG A 393 8.90 -9.13 18.58
C ARG A 393 9.53 -8.62 17.29
N LEU A 394 10.85 -8.51 17.28
CA LEU A 394 11.60 -8.01 16.13
C LEU A 394 12.45 -9.10 15.52
N LEU A 395 12.48 -9.11 14.19
CA LEU A 395 13.37 -9.96 13.41
C LEU A 395 14.36 -9.06 12.69
N PRO A 396 15.55 -9.58 12.35
CA PRO A 396 16.45 -8.79 11.49
C PRO A 396 15.84 -8.43 10.15
N GLY A 397 16.09 -7.20 9.71
CA GLY A 397 15.62 -6.71 8.43
C GLY A 397 16.72 -6.73 7.38
N PRO A 398 16.39 -6.37 6.13
CA PRO A 398 17.35 -6.44 5.04
C PRO A 398 18.53 -5.48 5.17
N GLN A 399 18.36 -4.40 5.94
CA GLN A 399 19.45 -3.48 6.24
C GLN A 399 19.84 -3.55 7.71
N PHE A 400 19.81 -4.76 8.26
CA PHE A 400 20.16 -4.99 9.65
C PHE A 400 21.49 -4.33 10.01
N ALA A 401 21.50 -3.67 11.16
CA ALA A 401 22.70 -3.18 11.79
C ALA A 401 22.54 -3.45 13.27
N GLY A 402 23.55 -4.03 13.89
CA GLY A 402 23.49 -4.38 15.31
C GLY A 402 23.12 -3.20 16.18
N GLU A 403 23.72 -2.04 15.92
CA GLU A 403 23.45 -0.85 16.74
C GLU A 403 22.01 -0.35 16.60
N ALA A 404 21.42 -0.52 15.42
CA ALA A 404 20.02 -0.18 15.21
C ALA A 404 19.13 -1.13 15.98
N PHE A 405 19.41 -2.44 15.90
CA PHE A 405 18.63 -3.44 16.61
C PHE A 405 18.71 -3.20 18.13
N ARG A 406 19.90 -2.89 18.60
CA ARG A 406 20.14 -2.61 20.01
C ARG A 406 19.34 -1.39 20.46
N ALA A 407 19.39 -0.32 19.66
CA ALA A 407 18.64 0.92 19.95
C ALA A 407 17.14 0.68 20.02
N LEU A 408 16.62 -0.11 19.09
CA LEU A 408 15.19 -0.42 19.05
C LEU A 408 14.74 -1.16 20.30
N CYS A 409 15.60 -2.02 20.85
CA CYS A 409 15.27 -2.78 22.06
C CYS A 409 15.66 -2.06 23.37
N SER A 410 16.23 -0.86 23.28
CA SER A 410 16.90 -0.23 24.43
C SER A 410 15.97 0.42 25.45
N GLY A 411 14.77 0.78 25.02
CA GLY A 411 13.79 1.43 25.88
C GLY A 411 12.48 1.59 25.15
N PRO A 412 11.44 2.10 25.84
CA PRO A 412 10.13 2.20 25.22
C PRO A 412 10.03 3.27 24.12
N PHE A 413 9.24 2.95 23.11
CA PHE A 413 8.82 3.90 22.10
C PHE A 413 7.36 4.25 22.36
N ARG A 414 6.88 5.29 21.70
CA ARG A 414 5.51 5.75 21.85
C ARG A 414 4.97 6.05 20.46
N VAL A 415 3.72 5.67 20.19
CA VAL A 415 3.11 5.91 18.89
C VAL A 415 2.81 7.39 18.74
N ALA A 416 3.31 8.01 17.66
CA ALA A 416 3.01 9.41 17.35
C ALA A 416 1.78 9.52 16.46
N ARG A 417 1.73 8.65 15.45
CA ARG A 417 0.65 8.61 14.48
C ARG A 417 0.53 7.19 13.96
N ALA A 418 -0.69 6.77 13.63
CA ALA A 418 -0.94 5.42 13.16
C ALA A 418 -2.06 5.42 12.14
N ASP A 419 -1.80 4.80 10.98
CA ASP A 419 -2.86 4.60 10.00
C ASP A 419 -2.59 3.30 9.24
N ARG A 420 -3.25 3.10 8.11
CA ARG A 420 -3.08 1.86 7.34
C ARG A 420 -1.73 1.78 6.62
N VAL A 421 -1.09 2.93 6.41
CA VAL A 421 0.22 2.95 5.76
C VAL A 421 1.31 2.51 6.75
N GLY A 422 1.24 3.03 7.97
CA GLY A 422 2.18 2.61 8.99
C GLY A 422 2.01 3.31 10.32
N VAL A 423 2.90 2.98 11.25
CA VAL A 423 2.88 3.50 12.60
C VAL A 423 4.19 4.23 12.85
N GLU A 424 4.09 5.53 13.10
CA GLU A 424 5.24 6.40 13.33
C GLU A 424 5.59 6.44 14.82
N LEU A 425 6.87 6.30 15.14
CA LEU A 425 7.30 6.13 16.51
C LEU A 425 8.17 7.27 17.06
N LEU A 426 7.95 7.58 18.33
CA LEU A 426 8.79 8.49 19.11
C LEU A 426 9.53 7.67 20.17
N GLY A 427 10.82 7.91 20.32
CA GLY A 427 11.60 7.17 21.29
C GLY A 427 13.08 7.37 21.09
N PRO A 428 13.89 6.46 21.64
CA PRO A 428 15.35 6.53 21.52
C PRO A 428 15.81 6.69 20.07
N GLU A 429 16.88 7.45 19.85
CA GLU A 429 17.45 7.62 18.51
C GLU A 429 17.91 6.27 17.95
N VAL A 430 17.50 5.97 16.72
CA VAL A 430 17.90 4.75 16.02
C VAL A 430 18.67 5.13 14.75
N PRO A 431 19.90 4.60 14.57
CA PRO A 431 20.63 4.90 13.34
C PRO A 431 19.90 4.35 12.10
N GLY A 432 19.76 5.18 11.08
CA GLY A 432 19.07 4.79 9.86
C GLY A 432 19.95 4.92 8.65
N GLY A 433 19.32 4.91 7.48
CA GLY A 433 20.06 5.02 6.22
C GLY A 433 19.14 5.16 5.03
N GLU A 434 19.75 5.34 3.86
CA GLU A 434 19.01 5.46 2.62
C GLU A 434 19.87 4.93 1.47
N GLY A 435 19.21 4.29 0.51
CA GLY A 435 19.87 3.77 -0.69
C GLY A 435 18.87 3.70 -1.82
N LEU A 436 19.19 2.96 -2.89
CA LEU A 436 18.24 2.76 -3.99
C LEU A 436 16.97 2.11 -3.46
N SER A 437 15.84 2.44 -4.05
CA SER A 437 14.57 1.89 -3.62
C SER A 437 14.54 0.38 -3.84
N GLU A 438 14.03 -0.33 -2.84
CA GLU A 438 13.79 -1.75 -2.97
C GLU A 438 12.40 -2.07 -2.43
N PRO A 439 11.88 -3.26 -2.77
CA PRO A 439 10.55 -3.62 -2.33
C PRO A 439 10.42 -3.61 -0.82
N THR A 440 9.31 -3.07 -0.34
CA THR A 440 9.06 -2.94 1.09
C THR A 440 8.52 -4.24 1.68
N PRO A 441 9.05 -4.66 2.84
CA PRO A 441 8.53 -5.84 3.54
C PRO A 441 7.42 -5.46 4.51
N LEU A 442 6.35 -6.27 4.60
CA LEU A 442 5.29 -6.02 5.56
C LEU A 442 5.87 -6.14 6.98
N GLY A 443 5.62 -5.13 7.81
CA GLY A 443 6.18 -5.11 9.15
C GLY A 443 7.58 -4.52 9.21
N GLY A 444 8.10 -4.06 8.07
CA GLY A 444 9.40 -3.40 8.05
C GLY A 444 9.46 -2.21 8.97
N VAL A 445 10.53 -2.11 9.76
CA VAL A 445 10.76 -0.96 10.60
C VAL A 445 11.68 -0.03 9.83
N GLN A 446 11.08 0.98 9.22
CA GLN A 446 11.80 1.89 8.33
C GLN A 446 12.44 3.00 9.15
N VAL A 447 13.74 3.20 8.98
CA VAL A 447 14.49 4.19 9.74
C VAL A 447 15.32 5.07 8.81
N PRO A 448 14.87 6.31 8.58
CA PRO A 448 15.61 7.20 7.69
C PRO A 448 16.84 7.77 8.38
N PRO A 449 17.78 8.35 7.62
CA PRO A 449 18.98 8.92 8.23
C PRO A 449 18.63 9.91 9.35
N SER A 450 17.64 10.76 9.07
CA SER A 450 17.10 11.68 10.06
CA SER A 450 17.11 11.68 10.07
C SER A 450 15.59 11.62 9.99
N GLY A 451 14.96 11.33 11.14
CA GLY A 451 13.51 11.24 11.20
C GLY A 451 13.06 10.08 12.05
N ARG A 452 11.74 9.95 12.19
CA ARG A 452 11.14 8.96 13.07
C ARG A 452 11.06 7.60 12.40
N PRO A 453 11.29 6.52 13.17
CA PRO A 453 11.01 5.19 12.62
C PRO A 453 9.54 5.03 12.26
N LEU A 454 9.27 4.29 11.18
CA LEU A 454 7.91 4.03 10.71
C LEU A 454 7.78 2.52 10.47
N VAL A 455 6.83 1.88 11.17
CA VAL A 455 6.56 0.47 10.94
C VAL A 455 5.55 0.38 9.79
N LEU A 456 5.93 -0.31 8.72
CA LEU A 456 5.15 -0.35 7.49
C LEU A 456 4.05 -1.40 7.54
N LEU A 457 2.82 -1.01 7.21
CA LEU A 457 1.66 -1.90 7.29
C LEU A 457 1.03 -2.08 5.90
N ALA A 458 -0.19 -2.64 5.86
CA ALA A 458 -0.80 -3.11 4.61
C ALA A 458 -0.90 -2.11 3.46
N ASP A 459 -1.04 -0.83 3.76
CA ASP A 459 -1.17 0.18 2.69
C ASP A 459 0.15 0.89 2.40
N LYS A 460 1.25 0.33 2.90
CA LYS A 460 2.59 0.83 2.58
C LYS A 460 2.80 0.89 1.06
N GLY A 461 3.61 1.85 0.63
CA GLY A 461 4.08 1.89 -0.75
C GLY A 461 4.90 0.65 -1.03
N SER A 462 4.92 0.22 -2.30
CA SER A 462 5.57 -1.03 -2.68
CA SER A 462 5.58 -1.04 -2.67
C SER A 462 7.10 -0.95 -2.65
N LEU A 463 7.62 0.28 -2.79
CA LEU A 463 9.06 0.54 -2.85
C LEU A 463 9.48 1.65 -1.87
N GLY A 464 10.70 1.52 -1.35
CA GLY A 464 11.25 2.54 -0.46
C GLY A 464 12.76 2.46 -0.38
N GLY A 465 13.41 3.63 -0.30
CA GLY A 465 14.87 3.70 -0.21
C GLY A 465 15.42 3.79 1.21
N TYR A 466 14.57 4.03 2.19
CA TYR A 466 15.03 4.11 3.57
C TYR A 466 15.30 2.72 4.12
N ALA A 467 16.29 2.65 5.01
CA ALA A 467 16.73 1.38 5.59
C ALA A 467 15.66 0.75 6.45
N LYS A 468 15.61 -0.59 6.37
CA LYS A 468 14.78 -1.39 7.26
CA LYS A 468 14.78 -1.40 7.26
C LYS A 468 15.70 -2.31 8.06
N PRO A 469 16.19 -1.84 9.22
CA PRO A 469 17.11 -2.69 10.00
C PRO A 469 16.42 -3.87 10.70
N ALA A 470 15.11 -3.76 10.87
CA ALA A 470 14.34 -4.78 11.56
C ALA A 470 12.97 -4.94 10.93
N LEU A 471 12.30 -6.03 11.28
CA LEU A 471 10.94 -6.34 10.89
C LEU A 471 10.17 -6.72 12.14
N VAL A 472 8.94 -6.23 12.27
CA VAL A 472 8.05 -6.75 13.29
C VAL A 472 7.57 -8.14 12.88
N ASP A 473 7.65 -9.08 13.82
CA ASP A 473 7.19 -10.46 13.62
C ASP A 473 5.74 -10.44 13.11
N PRO A 474 5.46 -11.17 12.02
CA PRO A 474 4.09 -11.16 11.48
C PRO A 474 3.01 -11.53 12.49
N ARG A 475 3.36 -12.34 13.50
CA ARG A 475 2.41 -12.71 14.57
C ARG A 475 1.94 -11.53 15.44
N ASP A 476 2.67 -10.41 15.40
CA ASP A 476 2.36 -9.24 16.21
C ASP A 476 1.81 -8.06 15.40
N LEU A 477 1.69 -8.22 14.08
CA LEU A 477 1.22 -7.13 13.23
C LEU A 477 -0.21 -6.69 13.54
N TRP A 478 -1.06 -7.63 13.99
CA TRP A 478 -2.45 -7.30 14.32
C TRP A 478 -2.52 -6.20 15.37
N LEU A 479 -1.57 -6.17 16.30
CA LEU A 479 -1.52 -5.13 17.32
C LEU A 479 -1.39 -3.76 16.69
N LEU A 480 -0.56 -3.65 15.66
CA LEU A 480 -0.34 -2.36 15.01
C LEU A 480 -1.55 -1.90 14.20
N GLY A 481 -2.41 -2.86 13.83
CA GLY A 481 -3.73 -2.55 13.30
C GLY A 481 -4.63 -1.85 14.30
N GLN A 482 -4.26 -1.88 15.58
CA GLN A 482 -5.02 -1.26 16.65
C GLN A 482 -4.24 -0.15 17.35
N ALA A 483 -3.15 0.30 16.71
CA ALA A 483 -2.31 1.35 17.28
C ALA A 483 -3.03 2.70 17.25
N ARG A 484 -2.76 3.50 18.27
CA ARG A 484 -3.21 4.88 18.32
C ARG A 484 -2.15 5.73 19.03
N PRO A 485 -2.16 7.05 18.81
CA PRO A 485 -1.19 7.92 19.46
C PRO A 485 -1.11 7.71 20.97
N GLY A 486 0.10 7.60 21.50
CA GLY A 486 0.31 7.47 22.94
C GLY A 486 0.52 6.06 23.44
N VAL A 487 0.20 5.06 22.63
CA VAL A 487 0.44 3.66 23.00
C VAL A 487 1.93 3.42 23.13
N GLU A 488 2.31 2.78 24.24
CA GLU A 488 3.71 2.47 24.49
C GLU A 488 4.08 1.17 23.78
N ILE A 489 5.25 1.18 23.15
CA ILE A 489 5.76 0.05 22.37
CA ILE A 489 5.76 0.04 22.40
C ILE A 489 7.08 -0.44 22.97
N HIS A 490 7.17 -1.74 23.20
CA HIS A 490 8.38 -2.39 23.70
C HIS A 490 8.80 -3.43 22.66
N PHE A 491 9.96 -3.21 22.05
CA PHE A 491 10.49 -4.16 21.08
C PHE A 491 11.35 -5.18 21.80
N THR A 492 11.22 -6.44 21.39
CA THR A 492 11.98 -7.54 21.98
CA THR A 492 11.92 -7.58 21.99
C THR A 492 12.45 -8.51 20.89
N SER A 493 13.47 -9.30 21.22
CA SER A 493 13.99 -10.29 20.26
C SER A 493 13.20 -11.59 20.32
C1 GOL B . -30.90 -13.29 4.99
O1 GOL B . -32.12 -13.11 4.30
C2 GOL B . -29.93 -12.18 4.62
O2 GOL B . -30.54 -10.91 4.80
C3 GOL B . -28.63 -12.29 5.42
O3 GOL B . -28.85 -12.13 6.82
C1 GOL C . 10.03 10.54 -5.59
O1 GOL C . 9.48 11.74 -5.10
C2 GOL C . 11.06 10.01 -4.60
O2 GOL C . 10.61 10.19 -3.28
C3 GOL C . 11.30 8.53 -4.89
O3 GOL C . 12.53 8.14 -4.32
C1 GOL D . 3.21 12.69 21.08
O1 GOL D . 3.80 12.40 22.33
C2 GOL D . 2.20 11.63 20.70
O2 GOL D . 1.50 12.09 19.56
C3 GOL D . 1.22 11.39 21.86
O3 GOL D . 1.84 10.60 22.86
S SO4 E . -12.22 -19.88 6.14
O1 SO4 E . -13.19 -19.48 7.15
O2 SO4 E . -10.88 -19.54 6.58
O3 SO4 E . -12.51 -19.21 4.87
O4 SO4 E . -12.31 -21.33 5.95
#